data_6JZN
#
_entry.id   6JZN
#
_cell.length_a   91.454
_cell.length_b   95.827
_cell.length_c   196.566
_cell.angle_alpha   90.00
_cell.angle_beta   90.00
_cell.angle_gamma   90.00
#
_symmetry.space_group_name_H-M   'C 2 2 21'
#
loop_
_entity.id
_entity.type
_entity.pdbx_description
1 polymer 'Plastid division protein CDP1, chloroplastic'
2 polymer 'Peptide from Plastid division protein PDV1'
#
loop_
_entity_poly.entity_id
_entity_poly.type
_entity_poly.pdbx_seq_one_letter_code
_entity_poly.pdbx_strand_id
1 'polypeptide(L)'
;MGSSHHHHHHSQDPKRPMDTEEAEELVRQWENVKAEALGPTHQVYSLSEVLDESMLVQWQTLAQTAEAKSCYWRFVLLHL
EVLQAHIFEDGIAGEAAEIEALLEEAAELVDESQPKNAKYYSTYKIRYILKKQEDGLWKFCQSDIQIQK
;
C,B,D,A
2 'polypeptide(L)' DHLDVMMARG G,F,H,E
#
# COMPACT_ATOMS: atom_id res chain seq x y z
N ARG A 16 -11.23 10.71 56.14
CA ARG A 16 -12.54 10.43 55.58
C ARG A 16 -12.75 10.51 54.05
N PRO A 17 -13.81 9.84 53.57
CA PRO A 17 -14.09 9.81 52.13
C PRO A 17 -14.56 11.12 51.50
N MET A 18 -14.02 11.39 50.31
CA MET A 18 -14.50 12.50 49.50
C MET A 18 -15.71 12.05 48.70
N ASP A 19 -16.56 13.02 48.35
CA ASP A 19 -17.73 12.75 47.53
C ASP A 19 -17.31 12.18 46.18
N THR A 20 -17.93 11.07 45.78
CA THR A 20 -17.51 10.36 44.57
C THR A 20 -17.66 11.22 43.33
N GLU A 21 -18.75 11.99 43.24
CA GLU A 21 -18.91 12.87 42.08
C GLU A 21 -17.93 14.04 42.12
N GLU A 22 -17.52 14.49 43.30
CA GLU A 22 -16.55 15.59 43.34
C GLU A 22 -15.19 15.14 42.86
N ALA A 23 -14.80 13.91 43.20
CA ALA A 23 -13.58 13.34 42.63
C ALA A 23 -13.74 13.16 41.13
N GLU A 24 -14.92 12.72 40.68
CA GLU A 24 -15.18 12.58 39.26
C GLU A 24 -15.00 13.92 38.53
N GLU A 25 -15.53 15.01 39.11
CA GLU A 25 -15.45 16.30 38.44
C GLU A 25 -14.01 16.80 38.40
N LEU A 26 -13.25 16.54 39.45
CA LEU A 26 -11.85 16.94 39.46
C LEU A 26 -11.06 16.18 38.39
N VAL A 27 -11.24 14.87 38.33
CA VAL A 27 -10.50 14.08 37.35
C VAL A 27 -10.93 14.41 35.94
N ARG A 28 -12.20 14.73 35.70
CA ARG A 28 -12.59 15.04 34.34
C ARG A 28 -12.17 16.44 33.93
N GLN A 29 -12.11 17.39 34.87
CA GLN A 29 -11.53 18.68 34.50
C GLN A 29 -10.06 18.51 34.17
N TRP A 30 -9.36 17.65 34.91
CA TRP A 30 -7.96 17.38 34.55
C TRP A 30 -7.88 16.75 33.17
N GLU A 31 -8.76 15.81 32.85
CA GLU A 31 -8.67 15.15 31.55
C GLU A 31 -9.00 16.10 30.41
N ASN A 32 -9.98 16.98 30.62
CA ASN A 32 -10.29 17.99 29.61
C ASN A 32 -9.12 18.95 29.42
N VAL A 33 -8.47 19.37 30.51
CA VAL A 33 -7.34 20.27 30.40
C VAL A 33 -6.17 19.57 29.71
N LYS A 34 -5.97 18.28 30.00
CA LYS A 34 -4.92 17.54 29.32
C LYS A 34 -5.17 17.48 27.82
N ALA A 35 -6.41 17.21 27.43
CA ALA A 35 -6.75 17.19 26.00
C ALA A 35 -6.52 18.55 25.37
N GLU A 36 -6.88 19.63 26.08
CA GLU A 36 -6.72 20.97 25.54
C GLU A 36 -5.25 21.34 25.38
N ALA A 37 -4.43 21.04 26.40
CA ALA A 37 -3.03 21.44 26.37
C ALA A 37 -2.25 20.61 25.36
N LEU A 38 -2.52 19.32 25.27
CA LEU A 38 -1.85 18.46 24.32
C LEU A 38 -2.52 18.46 22.96
N GLY A 39 -3.61 19.21 22.81
CA GLY A 39 -4.36 19.22 21.58
C GLY A 39 -3.77 20.20 20.58
N PRO A 40 -4.48 20.37 19.46
CA PRO A 40 -3.96 21.26 18.41
C PRO A 40 -3.92 22.71 18.81
N THR A 41 -4.78 23.14 19.74
CA THR A 41 -4.77 24.57 20.02
C THR A 41 -3.62 24.91 20.99
N HIS A 42 -3.08 23.91 21.69
CA HIS A 42 -1.89 24.01 22.56
C HIS A 42 -2.08 25.02 23.69
N GLN A 43 -3.07 24.74 24.54
CA GLN A 43 -3.38 25.60 25.69
C GLN A 43 -2.49 25.20 26.87
N VAL A 44 -1.22 25.57 26.77
CA VAL A 44 -0.26 25.21 27.81
C VAL A 44 -0.54 25.98 29.10
N TYR A 45 -0.99 27.23 28.97
CA TYR A 45 -1.33 28.02 30.16
C TYR A 45 -2.33 27.28 31.05
N SER A 46 -3.36 26.70 30.43
CA SER A 46 -4.47 26.11 31.17
C SER A 46 -4.02 25.00 32.11
N LEU A 47 -2.85 24.40 31.89
CA LEU A 47 -2.35 23.39 32.81
C LEU A 47 -2.27 23.95 34.23
N SER A 48 -1.83 25.21 34.36
CA SER A 48 -1.70 25.83 35.66
C SER A 48 -3.04 25.95 36.40
N GLU A 49 -4.17 25.80 35.70
CA GLU A 49 -5.44 25.82 36.40
C GLU A 49 -5.61 24.61 37.31
N VAL A 50 -5.13 23.46 36.87
CA VAL A 50 -5.41 22.22 37.57
C VAL A 50 -4.16 21.58 38.18
N LEU A 51 -2.98 21.85 37.66
CA LEU A 51 -1.77 21.19 38.13
C LEU A 51 -0.89 22.15 38.90
N ASP A 52 -0.17 21.60 39.87
CA ASP A 52 0.90 22.30 40.57
C ASP A 52 1.99 21.28 40.91
N GLU A 53 3.17 21.79 41.24
CA GLU A 53 4.30 20.91 41.58
C GLU A 53 4.68 19.93 40.47
N SER A 54 5.31 18.82 40.88
CA SER A 54 5.98 17.90 39.95
C SER A 54 5.08 17.47 38.80
N MET A 55 3.81 17.19 39.08
CA MET A 55 2.90 16.85 38.00
C MET A 55 2.78 18.00 37.01
N LEU A 56 2.68 19.22 37.50
CA LEU A 56 2.59 20.40 36.64
C LEU A 56 3.84 20.56 35.82
N VAL A 57 5.02 20.35 36.42
CA VAL A 57 6.26 20.48 35.65
C VAL A 57 6.31 19.43 34.53
N GLN A 58 5.95 18.18 34.84
CA GLN A 58 6.02 17.10 33.86
C GLN A 58 5.11 17.36 32.68
N TRP A 59 3.82 17.57 32.96
CA TRP A 59 2.89 17.79 31.86
C TRP A 59 3.15 19.11 31.17
N GLN A 60 3.73 20.09 31.87
CA GLN A 60 4.04 21.38 31.25
C GLN A 60 5.20 21.23 30.26
N THR A 61 6.19 20.42 30.59
CA THR A 61 7.29 20.22 29.65
C THR A 61 6.84 19.35 28.49
N LEU A 62 5.93 18.40 28.74
CA LEU A 62 5.39 17.60 27.65
C LEU A 62 4.61 18.46 26.67
N ALA A 63 3.78 19.38 27.19
CA ALA A 63 2.99 20.24 26.32
C ALA A 63 3.90 21.15 25.50
N GLN A 64 4.97 21.68 26.11
CA GLN A 64 5.83 22.58 25.36
C GLN A 64 6.64 21.82 24.32
N THR A 65 7.07 20.59 24.63
CA THR A 65 7.75 19.77 23.62
C THR A 65 6.83 19.45 22.45
N ALA A 66 5.58 19.06 22.74
CA ALA A 66 4.66 18.74 21.66
C ALA A 66 4.40 19.93 20.77
N GLU A 67 4.16 21.11 21.36
CA GLU A 67 3.94 22.29 20.53
C GLU A 67 5.19 22.67 19.75
N ALA A 68 6.39 22.38 20.30
CA ALA A 68 7.62 22.73 19.62
C ALA A 68 7.84 21.88 18.37
N LYS A 69 7.50 20.59 18.44
CA LYS A 69 7.68 19.69 17.31
C LYS A 69 6.44 19.61 16.43
N SER A 70 5.46 20.49 16.64
CA SER A 70 4.27 20.61 15.80
C SER A 70 3.44 19.32 15.77
N CYS A 71 3.54 18.51 16.81
CA CYS A 71 2.66 17.36 17.03
C CYS A 71 1.55 17.73 18.01
N TYR A 72 0.47 16.95 17.97
CA TYR A 72 -0.58 17.14 18.98
C TYR A 72 -1.26 15.81 19.25
N TRP A 73 -2.20 15.82 20.19
CA TRP A 73 -2.88 14.61 20.64
C TRP A 73 -4.39 14.75 20.49
N ARG A 74 -5.03 13.66 20.08
CA ARG A 74 -6.49 13.54 20.08
C ARG A 74 -6.89 12.42 21.03
N PHE A 75 -7.93 12.67 21.84
CA PHE A 75 -8.34 11.72 22.86
C PHE A 75 -9.81 11.37 22.71
N VAL A 76 -10.13 10.15 23.11
CA VAL A 76 -11.50 9.69 23.34
C VAL A 76 -11.48 8.96 24.68
N LEU A 77 -12.12 9.54 25.69
CA LEU A 77 -12.16 8.96 27.03
C LEU A 77 -13.37 8.04 27.12
N LEU A 78 -13.14 6.74 26.94
CA LEU A 78 -14.26 5.82 26.88
C LEU A 78 -14.89 5.64 28.25
N HIS A 79 -14.08 5.50 29.28
CA HIS A 79 -14.59 5.26 30.62
C HIS A 79 -13.71 5.95 31.64
N LEU A 80 -14.35 6.54 32.64
CA LEU A 80 -13.67 7.09 33.80
C LEU A 80 -14.47 6.68 35.03
N GLU A 81 -13.80 6.14 36.03
CA GLU A 81 -14.46 5.64 37.22
C GLU A 81 -13.57 5.88 38.43
N VAL A 82 -14.14 6.43 39.48
CA VAL A 82 -13.39 6.69 40.70
C VAL A 82 -13.43 5.42 41.54
N LEU A 83 -12.28 4.81 41.72
CA LEU A 83 -12.19 3.59 42.51
C LEU A 83 -12.16 3.89 44.00
N GLN A 84 -11.46 4.94 44.39
CA GLN A 84 -11.43 5.35 45.78
C GLN A 84 -11.11 6.83 45.84
N ALA A 85 -11.55 7.48 46.92
CA ALA A 85 -11.30 8.91 47.06
C ALA A 85 -11.29 9.26 48.54
N HIS A 86 -10.24 9.95 48.98
CA HIS A 86 -10.10 10.31 50.38
C HIS A 86 -9.60 11.73 50.47
N ILE A 87 -10.00 12.42 51.54
CA ILE A 87 -9.60 13.79 51.81
C ILE A 87 -8.96 13.83 53.19
N PHE A 88 -7.85 14.57 53.31
CA PHE A 88 -7.12 14.75 54.56
C PHE A 88 -7.10 16.25 54.84
N GLU A 89 -8.01 16.68 55.69
CA GLU A 89 -8.11 18.08 56.12
C GLU A 89 -7.14 18.28 57.26
N ASP A 90 -5.90 18.62 56.93
CA ASP A 90 -4.84 18.74 57.92
C ASP A 90 -4.75 20.15 58.49
N GLY A 91 -5.88 20.64 58.99
CA GLY A 91 -5.97 21.86 59.78
C GLY A 91 -5.69 23.13 58.98
N ILE A 92 -5.05 24.09 59.67
CA ILE A 92 -4.66 25.35 59.05
C ILE A 92 -3.45 25.19 58.13
N ALA A 93 -2.84 24.01 58.09
CA ALA A 93 -1.77 23.75 57.16
C ALA A 93 -2.27 23.53 55.73
N GLY A 94 -3.58 23.43 55.54
CA GLY A 94 -4.17 23.11 54.25
C GLY A 94 -4.81 21.73 54.26
N GLU A 95 -5.40 21.40 53.13
CA GLU A 95 -6.01 20.08 52.91
C GLU A 95 -5.39 19.43 51.70
N ALA A 96 -5.40 18.10 51.70
CA ALA A 96 -4.95 17.32 50.55
C ALA A 96 -5.94 16.20 50.29
N ALA A 97 -5.76 15.50 49.18
CA ALA A 97 -6.67 14.44 48.82
C ALA A 97 -5.94 13.41 47.96
N GLU A 98 -6.48 12.21 47.94
CA GLU A 98 -5.96 11.11 47.13
C GLU A 98 -7.11 10.48 46.38
N ILE A 99 -6.99 10.38 45.07
CA ILE A 99 -8.02 9.80 44.22
C ILE A 99 -7.41 8.66 43.42
N GLU A 100 -8.03 7.49 43.50
CA GLU A 100 -7.67 6.35 42.68
C GLU A 100 -8.78 6.17 41.64
N ALA A 101 -8.40 6.23 40.37
CA ALA A 101 -9.36 6.20 39.27
C ALA A 101 -8.87 5.25 38.19
N LEU A 102 -9.80 4.55 37.56
CA LEU A 102 -9.49 3.69 36.43
C LEU A 102 -9.94 4.37 35.15
N LEU A 103 -8.99 4.61 34.25
CA LEU A 103 -9.24 5.29 32.98
C LEU A 103 -9.16 4.28 31.84
N GLU A 104 -10.14 4.32 30.95
CA GLU A 104 -10.10 3.58 29.69
C GLU A 104 -10.13 4.62 28.59
N GLU A 105 -9.05 4.72 27.81
CA GLU A 105 -8.91 5.87 26.93
C GLU A 105 -8.16 5.49 25.66
N ALA A 106 -8.58 6.09 24.54
CA ALA A 106 -7.90 5.94 23.27
C ALA A 106 -7.30 7.29 22.87
N ALA A 107 -6.12 7.25 22.27
CA ALA A 107 -5.44 8.49 21.89
C ALA A 107 -4.67 8.30 20.60
N GLU A 108 -4.46 9.42 19.90
CA GLU A 108 -3.77 9.46 18.61
C GLU A 108 -2.81 10.62 18.63
N LEU A 109 -1.52 10.33 18.48
CA LEU A 109 -0.48 11.35 18.35
C LEU A 109 -0.36 11.73 16.87
N VAL A 110 -0.84 12.93 16.52
CA VAL A 110 -0.70 13.48 15.17
C VAL A 110 0.70 14.08 15.09
N ASP A 111 1.64 13.30 14.53
CA ASP A 111 2.95 13.77 14.11
C ASP A 111 3.09 13.57 12.60
N GLU A 112 3.68 14.56 11.94
CA GLU A 112 3.76 14.59 10.48
C GLU A 112 5.15 14.26 9.95
N SER A 113 6.12 13.97 10.82
CA SER A 113 7.38 13.44 10.35
C SER A 113 7.34 11.93 10.15
N GLN A 114 6.19 11.31 10.39
CA GLN A 114 6.04 9.89 10.18
C GLN A 114 4.90 9.58 9.23
N PRO A 115 4.97 8.47 8.51
CA PRO A 115 3.95 8.17 7.49
C PRO A 115 2.60 7.83 8.10
N LYS A 116 2.57 7.39 9.36
CA LYS A 116 1.32 7.09 10.04
C LYS A 116 1.39 7.64 11.46
N ASN A 117 0.22 7.95 12.02
CA ASN A 117 0.15 8.48 13.37
C ASN A 117 0.03 7.33 14.36
N ALA A 118 0.72 7.44 15.49
CA ALA A 118 0.72 6.38 16.48
C ALA A 118 -0.49 6.54 17.38
N LYS A 119 -1.15 5.42 17.68
CA LYS A 119 -2.36 5.42 18.47
C LYS A 119 -2.21 4.43 19.61
N TYR A 120 -3.02 4.62 20.65
CA TYR A 120 -3.10 3.65 21.73
C TYR A 120 -4.51 3.56 22.26
N TYR A 121 -4.83 2.40 22.81
CA TYR A 121 -6.04 2.20 23.60
C TYR A 121 -5.61 1.49 24.88
N SER A 122 -5.82 2.14 26.02
CA SER A 122 -5.27 1.64 27.28
C SER A 122 -6.30 1.76 28.39
N THR A 123 -6.42 0.71 29.17
CA THR A 123 -7.14 0.73 30.45
C THR A 123 -6.10 0.66 31.56
N TYR A 124 -6.05 1.69 32.40
CA TYR A 124 -5.02 1.76 33.42
C TYR A 124 -5.57 2.44 34.66
N LYS A 125 -5.02 2.06 35.81
CA LYS A 125 -5.35 2.74 37.06
C LYS A 125 -4.35 3.84 37.33
N ILE A 126 -4.81 4.90 37.98
CA ILE A 126 -3.94 6.02 38.28
C ILE A 126 -4.36 6.59 39.62
N ARG A 127 -3.36 6.92 40.45
CA ARG A 127 -3.61 7.60 41.71
C ARG A 127 -3.08 9.02 41.61
N TYR A 128 -3.93 9.98 41.99
CA TYR A 128 -3.57 11.38 42.04
C TYR A 128 -3.52 11.82 43.49
N ILE A 129 -2.55 12.66 43.81
CA ILE A 129 -2.46 13.34 45.08
C ILE A 129 -2.60 14.84 44.80
N LEU A 130 -3.62 15.45 45.38
CA LEU A 130 -3.95 16.85 45.17
C LEU A 130 -3.81 17.60 46.48
N LYS A 131 -3.69 18.92 46.37
CA LYS A 131 -3.60 19.80 47.52
C LYS A 131 -4.49 21.00 47.25
N LYS A 132 -5.30 21.39 48.23
CA LYS A 132 -6.13 22.57 48.07
C LYS A 132 -5.28 23.80 48.31
N GLN A 133 -5.33 24.75 47.39
CA GLN A 133 -4.61 25.99 47.63
C GLN A 133 -5.40 26.85 48.60
N GLU A 134 -4.74 27.88 49.11
CA GLU A 134 -5.37 28.89 49.95
C GLU A 134 -6.08 29.94 49.09
N ASP A 135 -7.12 29.45 48.40
CA ASP A 135 -8.08 30.25 47.65
C ASP A 135 -9.32 29.40 47.39
N GLY A 136 -9.35 28.23 48.04
CA GLY A 136 -10.46 27.31 47.98
C GLY A 136 -10.44 26.36 46.81
N LEU A 137 -9.38 26.37 46.01
CA LEU A 137 -9.34 25.61 44.78
C LEU A 137 -8.39 24.43 44.89
N TRP A 138 -8.72 23.34 44.20
CA TRP A 138 -7.95 22.11 44.23
C TRP A 138 -7.00 22.04 43.04
N LYS A 139 -5.80 21.54 43.27
CA LYS A 139 -4.84 21.40 42.17
C LYS A 139 -4.12 20.07 42.27
N PHE A 140 -4.09 19.32 41.16
CA PHE A 140 -3.37 18.06 41.10
C PHE A 140 -1.87 18.30 41.25
N CYS A 141 -1.26 17.59 42.20
CA CYS A 141 0.15 17.80 42.51
C CYS A 141 1.05 16.62 42.16
N GLN A 142 0.56 15.40 42.27
CA GLN A 142 1.37 14.24 41.90
C GLN A 142 0.47 13.14 41.38
N SER A 143 1.07 12.20 40.65
CA SER A 143 0.31 11.12 40.04
C SER A 143 1.20 9.89 39.88
N ASP A 144 0.55 8.72 39.85
CA ASP A 144 1.26 7.45 39.66
C ASP A 144 0.34 6.50 38.90
N ILE A 145 0.78 6.08 37.70
CA ILE A 145 0.07 5.11 36.87
C ILE A 145 0.48 3.68 37.21
N GLN A 146 -0.49 2.76 37.13
CA GLN A 146 -0.25 1.33 36.99
C GLN A 146 -1.06 0.86 35.77
N ILE A 147 -0.36 0.43 34.72
CA ILE A 147 -1.00 0.12 33.43
C ILE A 147 -1.48 -1.33 33.42
N GLN A 148 -2.62 -1.55 32.76
CA GLN A 148 -3.19 -2.89 32.62
C GLN A 148 -3.49 -3.20 31.15
N GLN B 12 5.85 21.24 6.79
CA GLN B 12 4.65 21.96 7.20
C GLN B 12 3.40 21.50 6.49
N LYS B 15 4.72 18.85 4.73
CA LYS B 15 5.49 17.87 3.96
C LYS B 15 5.48 16.52 4.65
N ARG B 16 4.36 15.81 4.56
CA ARG B 16 4.29 14.51 5.21
C ARG B 16 4.94 13.46 4.32
N PRO B 17 5.72 12.55 4.91
CA PRO B 17 6.33 11.47 4.12
C PRO B 17 5.33 10.38 3.81
N MET B 18 5.40 9.87 2.59
CA MET B 18 4.59 8.72 2.24
C MET B 18 5.30 7.47 2.72
N ASP B 19 4.52 6.45 3.05
CA ASP B 19 5.11 5.19 3.46
C ASP B 19 5.91 4.61 2.31
N THR B 20 7.19 4.32 2.54
CA THR B 20 8.03 3.80 1.47
C THR B 20 7.50 2.47 0.97
N GLU B 21 6.84 1.72 1.84
CA GLU B 21 6.23 0.47 1.38
C GLU B 21 5.17 0.77 0.35
N GLU B 22 4.37 1.80 0.58
CA GLU B 22 3.30 2.16 -0.35
C GLU B 22 3.85 2.76 -1.65
N ALA B 23 4.94 3.53 -1.56
CA ALA B 23 5.57 4.07 -2.77
C ALA B 23 6.20 2.98 -3.63
N GLU B 24 6.96 2.08 -3.02
CA GLU B 24 7.52 0.95 -3.76
C GLU B 24 6.41 0.17 -4.42
N GLU B 25 5.31 0.07 -3.70
CA GLU B 25 4.16 -0.73 -4.00
C GLU B 25 3.41 -0.17 -5.22
N LEU B 26 3.27 1.15 -5.26
CA LEU B 26 2.66 1.84 -6.39
C LEU B 26 3.56 1.82 -7.62
N VAL B 27 4.85 2.10 -7.43
CA VAL B 27 5.78 2.11 -8.56
C VAL B 27 5.87 0.72 -9.17
N ARG B 28 5.70 -0.30 -8.34
CA ARG B 28 5.78 -1.67 -8.82
C ARG B 28 4.54 -2.02 -9.64
N GLN B 29 3.38 -1.50 -9.24
CA GLN B 29 2.22 -1.70 -10.11
C GLN B 29 2.35 -0.94 -11.42
N TRP B 30 2.90 0.29 -11.38
CA TRP B 30 3.10 1.02 -12.63
C TRP B 30 4.03 0.26 -13.56
N GLU B 31 5.11 -0.31 -13.02
CA GLU B 31 6.06 -1.02 -13.88
C GLU B 31 5.45 -2.28 -14.46
N ASN B 32 4.64 -3.00 -13.66
CA ASN B 32 3.96 -4.17 -14.20
C ASN B 32 2.97 -3.78 -15.29
N VAL B 33 2.21 -2.71 -15.08
CA VAL B 33 1.24 -2.28 -16.09
C VAL B 33 1.96 -1.79 -17.34
N LYS B 34 3.10 -1.12 -17.18
CA LYS B 34 3.86 -0.71 -18.35
C LYS B 34 4.28 -1.92 -19.17
N ALA B 35 4.78 -2.97 -18.49
CA ALA B 35 5.13 -4.19 -19.20
C ALA B 35 3.91 -4.81 -19.89
N GLU B 36 2.75 -4.78 -19.23
CA GLU B 36 1.56 -5.38 -19.82
C GLU B 36 1.10 -4.61 -21.05
N ALA B 37 1.05 -3.29 -20.97
CA ALA B 37 0.51 -2.49 -22.06
C ALA B 37 1.45 -2.47 -23.26
N LEU B 38 2.75 -2.39 -23.01
CA LEU B 38 3.75 -2.40 -24.07
C LEU B 38 4.16 -3.80 -24.49
N GLY B 39 3.57 -4.83 -23.88
CA GLY B 39 3.93 -6.20 -24.16
C GLY B 39 3.21 -6.75 -25.37
N PRO B 40 3.37 -8.05 -25.63
CA PRO B 40 2.75 -8.64 -26.83
C PRO B 40 1.24 -8.64 -26.79
N THR B 41 0.63 -8.65 -25.60
CA THR B 41 -0.82 -8.63 -25.51
C THR B 41 -1.38 -7.23 -25.75
N HIS B 42 -0.57 -6.19 -25.58
CA HIS B 42 -0.94 -4.81 -25.88
C HIS B 42 -2.20 -4.40 -25.10
N GLN B 43 -2.10 -4.46 -23.77
CA GLN B 43 -3.22 -4.11 -22.90
C GLN B 43 -3.20 -2.60 -22.65
N VAL B 44 -3.61 -1.85 -23.67
CA VAL B 44 -3.59 -0.40 -23.59
C VAL B 44 -4.58 0.10 -22.54
N TYR B 45 -5.73 -0.59 -22.40
CA TYR B 45 -6.73 -0.19 -21.41
C TYR B 45 -6.12 -0.10 -20.01
N SER B 46 -5.29 -1.09 -19.64
CA SER B 46 -4.81 -1.20 -18.26
C SER B 46 -4.06 0.04 -17.79
N LEU B 47 -3.53 0.84 -18.71
CA LEU B 47 -2.85 2.07 -18.31
C LEU B 47 -3.75 2.96 -17.48
N SER B 48 -5.03 3.05 -17.84
CA SER B 48 -5.97 3.89 -17.12
C SER B 48 -6.11 3.50 -15.66
N GLU B 49 -5.72 2.27 -15.29
CA GLU B 49 -5.79 1.89 -13.88
C GLU B 49 -4.77 2.66 -13.05
N VAL B 50 -3.60 2.94 -13.62
CA VAL B 50 -2.50 3.50 -12.85
C VAL B 50 -2.13 4.91 -13.29
N LEU B 51 -2.41 5.31 -14.52
CA LEU B 51 -1.98 6.60 -15.03
C LEU B 51 -3.18 7.52 -15.22
N ASP B 52 -2.94 8.82 -15.07
CA ASP B 52 -3.92 9.84 -15.37
C ASP B 52 -3.21 11.03 -15.99
N GLU B 53 -4.00 11.90 -16.61
CA GLU B 53 -3.51 13.11 -17.27
C GLU B 53 -2.36 12.81 -18.24
N SER B 54 -1.50 13.81 -18.43
CA SER B 54 -0.51 13.80 -19.51
C SER B 54 0.28 12.51 -19.56
N MET B 55 0.64 11.93 -18.41
CA MET B 55 1.36 10.67 -18.42
C MET B 55 0.53 9.57 -19.05
N LEU B 56 -0.76 9.49 -18.69
CA LEU B 56 -1.64 8.49 -19.29
C LEU B 56 -1.75 8.70 -20.79
N VAL B 57 -1.90 9.95 -21.22
CA VAL B 57 -2.01 10.24 -22.65
C VAL B 57 -0.74 9.82 -23.38
N GLN B 58 0.42 10.20 -22.84
CA GLN B 58 1.70 9.89 -23.48
C GLN B 58 1.91 8.38 -23.61
N TRP B 59 1.77 7.66 -22.50
CA TRP B 59 2.03 6.23 -22.57
C TRP B 59 0.94 5.51 -23.35
N GLN B 60 -0.27 6.06 -23.41
CA GLN B 60 -1.30 5.44 -24.23
C GLN B 60 -0.97 5.60 -25.70
N THR B 61 -0.45 6.76 -26.10
CA THR B 61 -0.11 6.93 -27.50
C THR B 61 1.10 6.09 -27.87
N LEU B 62 2.04 5.91 -26.94
CA LEU B 62 3.16 5.01 -27.22
C LEU B 62 2.68 3.56 -27.36
N ALA B 63 1.77 3.14 -26.49
CA ALA B 63 1.28 1.77 -26.55
C ALA B 63 0.53 1.51 -27.84
N GLN B 64 -0.32 2.44 -28.27
CA GLN B 64 -1.08 2.22 -29.51
C GLN B 64 -0.18 2.32 -30.73
N THR B 65 0.85 3.16 -30.69
CA THR B 65 1.83 3.16 -31.77
C THR B 65 2.51 1.80 -31.87
N ALA B 66 2.93 1.25 -30.73
CA ALA B 66 3.57 -0.07 -30.74
C ALA B 66 2.62 -1.13 -31.27
N GLU B 67 1.36 -1.08 -30.84
CA GLU B 67 0.37 -2.05 -31.30
C GLU B 67 0.10 -1.93 -32.79
N ALA B 68 0.19 -0.71 -33.34
CA ALA B 68 -0.06 -0.53 -34.77
C ALA B 68 1.08 -1.11 -35.60
N LYS B 69 2.32 -0.97 -35.15
CA LYS B 69 3.49 -1.45 -35.86
C LYS B 69 3.90 -2.88 -35.50
N SER B 70 3.09 -3.59 -34.72
CA SER B 70 3.36 -4.99 -34.41
C SER B 70 4.69 -5.21 -33.70
N CYS B 71 5.21 -4.18 -33.03
CA CYS B 71 6.34 -4.31 -32.12
C CYS B 71 5.82 -4.40 -30.70
N TYR B 72 6.64 -4.95 -29.82
CA TYR B 72 6.29 -4.96 -28.41
C TYR B 72 7.56 -4.90 -27.59
N TRP B 73 7.41 -4.84 -26.28
CA TRP B 73 8.52 -4.68 -25.36
C TRP B 73 8.51 -5.81 -24.35
N ARG B 74 9.70 -6.28 -23.98
CA ARG B 74 9.88 -7.20 -22.87
C ARG B 74 10.67 -6.48 -21.79
N PHE B 75 10.20 -6.59 -20.54
CA PHE B 75 10.84 -5.90 -19.44
C PHE B 75 11.21 -6.89 -18.35
N VAL B 76 12.33 -6.62 -17.68
CA VAL B 76 12.70 -7.29 -16.44
C VAL B 76 13.20 -6.20 -15.50
N LEU B 77 12.46 -5.97 -14.41
CA LEU B 77 12.81 -4.94 -13.44
C LEU B 77 13.70 -5.60 -12.38
N LEU B 78 15.02 -5.40 -12.50
CA LEU B 78 15.95 -6.10 -11.61
C LEU B 78 15.93 -5.52 -10.20
N HIS B 79 15.90 -4.20 -10.08
CA HIS B 79 15.91 -3.57 -8.76
C HIS B 79 15.05 -2.32 -8.77
N LEU B 80 14.29 -2.13 -7.70
CA LEU B 80 13.51 -0.91 -7.50
C LEU B 80 13.68 -0.45 -6.07
N GLU B 81 13.95 0.85 -5.89
CA GLU B 81 14.14 1.41 -4.57
C GLU B 81 13.61 2.84 -4.58
N VAL B 82 12.84 3.19 -3.55
CA VAL B 82 12.27 4.52 -3.43
C VAL B 82 13.26 5.42 -2.72
N LEU B 83 13.74 6.45 -3.42
CA LEU B 83 14.69 7.37 -2.81
C LEU B 83 13.99 8.34 -1.89
N GLN B 84 12.83 8.86 -2.31
CA GLN B 84 12.07 9.70 -1.39
C GLN B 84 10.61 9.68 -1.82
N ALA B 85 9.73 9.99 -0.88
CA ALA B 85 8.30 10.03 -1.16
C ALA B 85 7.63 10.99 -0.21
N HIS B 86 6.86 11.93 -0.75
CA HIS B 86 6.23 12.97 0.03
C HIS B 86 4.80 13.18 -0.45
N ILE B 87 3.96 13.66 0.44
CA ILE B 87 2.54 13.88 0.17
C ILE B 87 2.23 15.35 0.39
N PHE B 88 1.41 15.92 -0.49
CA PHE B 88 0.96 17.30 -0.41
C PHE B 88 -0.56 17.26 -0.29
N GLU B 89 -1.05 17.50 0.93
CA GLU B 89 -2.47 17.47 1.22
C GLU B 89 -3.00 18.91 1.18
N ASP B 90 -3.90 19.17 0.24
CA ASP B 90 -4.48 20.49 0.03
C ASP B 90 -5.96 20.50 0.39
N GLY B 91 -6.32 19.77 1.44
CA GLY B 91 -7.70 19.71 1.90
C GLY B 91 -8.67 19.31 0.81
N ILE B 92 -9.51 20.27 0.40
CA ILE B 92 -10.55 19.98 -0.58
C ILE B 92 -9.98 19.99 -2.00
N ALA B 93 -8.85 20.68 -2.22
CA ALA B 93 -8.20 20.68 -3.52
C ALA B 93 -7.61 19.33 -3.90
N GLY B 94 -7.77 18.29 -3.08
CA GLY B 94 -7.27 16.98 -3.38
C GLY B 94 -5.83 16.78 -2.93
N GLU B 95 -5.44 15.51 -2.83
CA GLU B 95 -4.10 15.15 -2.41
C GLU B 95 -3.22 14.89 -3.63
N ALA B 96 -1.93 15.18 -3.47
CA ALA B 96 -0.94 14.89 -4.49
C ALA B 96 0.27 14.28 -3.81
N ALA B 97 1.19 13.76 -4.62
CA ALA B 97 2.36 13.11 -4.06
C ALA B 97 3.50 13.18 -5.06
N GLU B 98 4.71 13.06 -4.51
CA GLU B 98 5.93 13.04 -5.31
C GLU B 98 6.79 11.88 -4.85
N ILE B 99 7.20 11.04 -5.81
CA ILE B 99 8.02 9.87 -5.53
C ILE B 99 9.27 9.95 -6.39
N GLU B 100 10.44 9.89 -5.77
CA GLU B 100 11.68 9.73 -6.52
C GLU B 100 12.18 8.31 -6.27
N ALA B 101 12.39 7.57 -7.35
CA ALA B 101 12.73 6.16 -7.30
C ALA B 101 13.89 5.87 -8.25
N LEU B 102 14.75 4.96 -7.84
CA LEU B 102 15.85 4.47 -8.68
C LEU B 102 15.46 3.10 -9.24
N LEU B 103 15.38 3.01 -10.55
CA LEU B 103 14.99 1.80 -11.26
C LEU B 103 16.21 1.24 -11.97
N GLU B 104 16.43 -0.06 -11.83
CA GLU B 104 17.42 -0.76 -12.63
C GLU B 104 16.65 -1.82 -13.42
N GLU B 105 16.65 -1.69 -14.74
CA GLU B 105 15.74 -2.49 -15.56
C GLU B 105 16.38 -2.82 -16.89
N ALA B 106 16.06 -4.01 -17.39
CA ALA B 106 16.46 -4.46 -18.71
C ALA B 106 15.24 -4.54 -19.60
N ALA B 107 15.40 -4.16 -20.86
CA ALA B 107 14.27 -4.15 -21.78
C ALA B 107 14.73 -4.56 -23.18
N GLU B 108 13.78 -5.12 -23.93
CA GLU B 108 14.00 -5.64 -25.27
C GLU B 108 12.86 -5.18 -26.15
N LEU B 109 13.17 -4.38 -27.18
CA LEU B 109 12.17 -3.98 -28.17
C LEU B 109 12.13 -5.03 -29.27
N VAL B 110 11.09 -5.87 -29.26
CA VAL B 110 10.86 -6.87 -30.28
C VAL B 110 10.10 -6.23 -31.45
N ASP B 111 10.85 -5.87 -32.49
CA ASP B 111 10.32 -5.55 -33.81
C ASP B 111 10.86 -6.58 -34.77
N GLU B 112 10.00 -7.23 -35.57
CA GLU B 112 10.61 -8.35 -36.25
C GLU B 112 10.66 -8.16 -37.77
N SER B 113 10.47 -6.92 -38.26
CA SER B 113 10.75 -6.70 -39.69
C SER B 113 12.21 -6.39 -39.96
N GLN B 114 13.02 -6.32 -38.89
CA GLN B 114 14.46 -6.20 -38.61
C GLN B 114 14.94 -7.44 -37.89
N PRO B 115 16.15 -7.91 -38.20
CA PRO B 115 16.52 -9.27 -37.83
C PRO B 115 16.73 -9.51 -36.36
N LYS B 116 17.11 -8.52 -35.57
CA LYS B 116 17.22 -8.75 -34.14
C LYS B 116 16.74 -7.52 -33.38
N ASN B 117 16.33 -7.78 -32.15
CA ASN B 117 15.73 -6.79 -31.28
C ASN B 117 16.79 -6.03 -30.50
N ALA B 118 16.54 -4.73 -30.31
CA ALA B 118 17.44 -3.88 -29.56
C ALA B 118 17.14 -4.02 -28.08
N LYS B 119 18.18 -4.01 -27.27
CA LYS B 119 18.04 -4.20 -25.83
C LYS B 119 18.73 -3.04 -25.12
N TYR B 120 18.34 -2.85 -23.87
CA TYR B 120 19.06 -1.93 -23.00
C TYR B 120 19.05 -2.52 -21.60
N TYR B 121 20.07 -2.14 -20.82
CA TYR B 121 20.12 -2.38 -19.39
C TYR B 121 20.46 -1.04 -18.76
N SER B 122 19.56 -0.50 -17.95
CA SER B 122 19.68 0.89 -17.53
C SER B 122 19.40 1.02 -16.04
N THR B 123 20.25 1.76 -15.36
CA THR B 123 20.01 2.23 -14.00
C THR B 123 19.73 3.72 -14.07
N TYR B 124 18.54 4.13 -13.66
CA TYR B 124 18.17 5.52 -13.80
C TYR B 124 17.27 5.95 -12.64
N LYS B 125 17.35 7.23 -12.31
CA LYS B 125 16.44 7.84 -11.35
C LYS B 125 15.27 8.48 -12.09
N ILE B 126 14.11 8.45 -11.45
CA ILE B 126 12.89 8.98 -12.05
C ILE B 126 12.04 9.61 -10.95
N ARG B 127 11.44 10.75 -11.25
CA ARG B 127 10.51 11.43 -10.36
C ARG B 127 9.10 11.32 -10.93
N TYR B 128 8.18 10.87 -10.10
CA TYR B 128 6.76 10.76 -10.44
C TYR B 128 5.98 11.76 -9.60
N ILE B 129 4.97 12.36 -10.22
CA ILE B 129 3.96 13.17 -9.54
C ILE B 129 2.63 12.45 -9.69
N LEU B 130 2.01 12.13 -8.56
CA LEU B 130 0.75 11.38 -8.50
C LEU B 130 -0.32 12.23 -7.86
N LYS B 131 -1.58 11.84 -8.09
CA LYS B 131 -2.72 12.52 -7.51
C LYS B 131 -3.72 11.49 -6.98
N LYS B 132 -4.30 11.77 -5.81
CA LYS B 132 -5.27 10.88 -5.22
C LYS B 132 -6.64 11.04 -5.87
N GLN B 133 -7.24 9.92 -6.28
CA GLN B 133 -8.59 9.91 -6.80
C GLN B 133 -9.60 9.96 -5.65
N GLU B 134 -10.88 9.95 -6.01
CA GLU B 134 -11.94 10.07 -5.02
C GLU B 134 -12.24 8.75 -4.31
N ASP B 135 -11.65 7.65 -4.77
CA ASP B 135 -11.78 6.38 -4.09
C ASP B 135 -10.58 6.10 -3.20
N GLY B 136 -9.69 7.07 -3.06
CA GLY B 136 -8.51 6.93 -2.25
C GLY B 136 -7.32 6.35 -2.96
N LEU B 137 -7.41 6.15 -4.27
CA LEU B 137 -6.35 5.45 -4.97
C LEU B 137 -5.49 6.47 -5.70
N TRP B 138 -4.19 6.15 -5.79
CA TRP B 138 -3.24 7.07 -6.38
C TRP B 138 -3.04 6.71 -7.84
N LYS B 139 -2.83 7.72 -8.67
CA LYS B 139 -2.59 7.52 -10.09
C LYS B 139 -1.43 8.41 -10.50
N PHE B 140 -0.45 7.82 -11.18
CA PHE B 140 0.67 8.59 -11.68
C PHE B 140 0.20 9.57 -12.74
N CYS B 141 0.51 10.85 -12.55
CA CYS B 141 0.06 11.91 -13.44
C CYS B 141 1.17 12.49 -14.30
N GLN B 142 2.38 12.55 -13.78
CA GLN B 142 3.51 13.03 -14.59
C GLN B 142 4.77 12.31 -14.15
N SER B 143 5.76 12.32 -15.03
CA SER B 143 6.99 11.60 -14.75
C SER B 143 8.14 12.28 -15.48
N ASP B 144 9.33 12.12 -14.91
CA ASP B 144 10.54 12.68 -15.50
C ASP B 144 11.73 11.80 -15.14
N ILE B 145 12.38 11.25 -16.14
CA ILE B 145 13.64 10.54 -15.91
C ILE B 145 14.72 11.61 -15.79
N GLN B 146 15.69 11.40 -14.91
CA GLN B 146 16.69 12.43 -14.72
C GLN B 146 18.10 11.94 -14.98
N ILE B 147 18.98 12.92 -15.19
CA ILE B 147 20.32 12.71 -15.73
C ILE B 147 21.37 13.12 -14.71
N LYS C 15 -12.01 -14.65 -11.14
CA LYS C 15 -11.84 -14.34 -9.73
C LYS C 15 -10.36 -14.11 -9.46
N ARG C 16 -10.03 -13.02 -8.76
CA ARG C 16 -8.62 -12.65 -8.72
C ARG C 16 -8.30 -11.91 -7.42
N PRO C 17 -7.12 -12.13 -6.82
CA PRO C 17 -6.82 -11.39 -5.58
C PRO C 17 -6.46 -9.95 -5.86
N MET C 18 -6.97 -9.05 -5.02
CA MET C 18 -6.61 -7.64 -5.05
C MET C 18 -5.36 -7.38 -4.22
N ASP C 19 -4.62 -6.35 -4.62
CA ASP C 19 -3.45 -5.95 -3.85
C ASP C 19 -3.90 -5.49 -2.47
N THR C 20 -3.23 -5.99 -1.44
CA THR C 20 -3.65 -5.68 -0.08
C THR C 20 -3.63 -4.18 0.17
N GLU C 21 -2.69 -3.47 -0.45
CA GLU C 21 -2.67 -2.01 -0.31
C GLU C 21 -3.81 -1.33 -1.06
N GLU C 22 -4.25 -1.87 -2.19
CA GLU C 22 -5.33 -1.19 -2.89
C GLU C 22 -6.62 -1.30 -2.07
N ALA C 23 -6.83 -2.46 -1.45
CA ALA C 23 -7.94 -2.60 -0.51
C ALA C 23 -7.74 -1.70 0.70
N GLU C 24 -6.50 -1.62 1.21
CA GLU C 24 -6.21 -0.75 2.34
C GLU C 24 -6.54 0.70 2.01
N GLU C 25 -6.16 1.14 0.81
CA GLU C 25 -6.38 2.53 0.44
C GLU C 25 -7.86 2.82 0.27
N LEU C 26 -8.61 1.85 -0.25
CA LEU C 26 -10.05 2.03 -0.40
C LEU C 26 -10.73 2.10 0.95
N VAL C 27 -10.43 1.15 1.84
CA VAL C 27 -11.06 1.13 3.16
C VAL C 27 -10.65 2.34 3.98
N ARG C 28 -9.41 2.81 3.82
CA ARG C 28 -8.98 3.96 4.62
C ARG C 28 -9.57 5.25 4.08
N GLN C 29 -9.77 5.35 2.76
CA GLN C 29 -10.46 6.52 2.22
C GLN C 29 -11.93 6.52 2.65
N TRP C 30 -12.56 5.34 2.68
CA TRP C 30 -13.92 5.27 3.17
C TRP C 30 -13.99 5.70 4.63
N GLU C 31 -13.04 5.27 5.45
CA GLU C 31 -13.08 5.63 6.86
C GLU C 31 -12.85 7.13 7.06
N ASN C 32 -11.95 7.71 6.27
CA ASN C 32 -11.73 9.15 6.33
C ASN C 32 -12.99 9.91 5.91
N VAL C 33 -13.65 9.45 4.84
CA VAL C 33 -14.86 10.11 4.39
C VAL C 33 -15.98 9.94 5.43
N LYS C 34 -16.03 8.80 6.10
CA LYS C 34 -17.01 8.59 7.15
C LYS C 34 -16.80 9.58 8.29
N ALA C 35 -15.54 9.73 8.71
CA ALA C 35 -15.23 10.69 9.77
C ALA C 35 -15.61 12.11 9.33
N GLU C 36 -15.37 12.44 8.06
CA GLU C 36 -15.69 13.77 7.57
C GLU C 36 -17.20 14.01 7.56
N ALA C 37 -17.96 13.03 7.08
CA ALA C 37 -19.40 13.19 6.92
C ALA C 37 -20.13 13.19 8.25
N LEU C 38 -19.72 12.31 9.18
CA LEU C 38 -20.35 12.26 10.49
C LEU C 38 -19.73 13.21 11.48
N GLY C 39 -18.73 13.99 11.08
CA GLY C 39 -18.03 14.86 11.97
C GLY C 39 -18.71 16.19 12.16
N PRO C 40 -18.04 17.11 12.86
CA PRO C 40 -18.65 18.42 13.12
C PRO C 40 -18.88 19.25 11.88
N THR C 41 -18.11 19.06 10.81
CA THR C 41 -18.32 19.80 9.57
C THR C 41 -19.49 19.25 8.76
N HIS C 42 -19.89 18.00 9.00
CA HIS C 42 -21.06 17.39 8.35
C HIS C 42 -20.93 17.47 6.83
N GLN C 43 -19.87 16.86 6.33
CA GLN C 43 -19.54 16.86 4.91
C GLN C 43 -20.27 15.69 4.23
N VAL C 44 -21.57 15.88 4.01
CA VAL C 44 -22.39 14.81 3.45
C VAL C 44 -22.02 14.51 1.99
N TYR C 45 -21.63 15.52 1.19
CA TYR C 45 -21.33 15.26 -0.23
C TYR C 45 -20.42 14.05 -0.34
N SER C 46 -19.38 14.06 0.51
CA SER C 46 -18.27 13.14 0.35
C SER C 46 -18.70 11.70 0.35
N LEU C 47 -19.85 11.39 0.93
CA LEU C 47 -20.30 10.01 0.83
C LEU C 47 -20.41 9.59 -0.63
N SER C 48 -20.96 10.47 -1.47
CA SER C 48 -21.12 10.20 -2.88
C SER C 48 -19.79 10.03 -3.63
N GLU C 49 -18.67 10.57 -3.15
CA GLU C 49 -17.43 10.28 -3.87
C GLU C 49 -16.98 8.85 -3.59
N VAL C 50 -17.30 8.32 -2.42
CA VAL C 50 -16.78 7.02 -2.01
C VAL C 50 -17.85 5.95 -1.97
N LEU C 51 -19.12 6.31 -1.78
CA LEU C 51 -20.22 5.36 -1.65
C LEU C 51 -21.11 5.40 -2.88
N ASP C 52 -21.78 4.28 -3.14
CA ASP C 52 -22.81 4.23 -4.15
C ASP C 52 -24.06 3.65 -3.49
N GLU C 53 -25.20 3.93 -4.12
CA GLU C 53 -26.52 3.72 -3.52
C GLU C 53 -26.70 2.36 -2.86
N SER C 54 -27.57 2.35 -1.84
CA SER C 54 -27.78 1.34 -0.80
C SER C 54 -26.92 1.74 0.38
N MET C 55 -25.62 1.49 0.31
CA MET C 55 -24.72 1.96 1.35
C MET C 55 -24.72 3.48 1.38
N LEU C 56 -24.70 4.11 0.21
CA LEU C 56 -24.75 5.56 0.16
C LEU C 56 -26.04 6.06 0.77
N VAL C 57 -27.15 5.38 0.50
CA VAL C 57 -28.43 5.79 1.07
C VAL C 57 -28.37 5.75 2.59
N GLN C 58 -27.90 4.65 3.15
CA GLN C 58 -27.86 4.49 4.59
C GLN C 58 -26.98 5.55 5.25
N TRP C 59 -25.74 5.65 4.80
CA TRP C 59 -24.83 6.60 5.45
C TRP C 59 -25.21 8.04 5.16
N GLN C 60 -25.92 8.30 4.05
CA GLN C 60 -26.38 9.65 3.78
C GLN C 60 -27.52 10.03 4.72
N THR C 61 -28.43 9.08 5.02
CA THR C 61 -29.51 9.41 5.94
C THR C 61 -28.97 9.59 7.34
N LEU C 62 -27.95 8.81 7.70
CA LEU C 62 -27.32 9.00 9.00
C LEU C 62 -26.63 10.36 9.08
N ALA C 63 -25.92 10.75 8.02
CA ALA C 63 -25.18 12.00 8.05
C ALA C 63 -26.10 13.21 8.14
N GLN C 64 -27.16 13.26 7.32
CA GLN C 64 -28.01 14.45 7.43
C GLN C 64 -28.90 14.41 8.67
N THR C 65 -29.28 13.23 9.15
CA THR C 65 -29.98 13.18 10.44
C THR C 65 -29.11 13.76 11.54
N ALA C 66 -27.83 13.38 11.57
CA ALA C 66 -26.92 13.92 12.57
C ALA C 66 -26.78 15.43 12.41
N GLU C 67 -26.67 15.91 11.17
CA GLU C 67 -26.56 17.35 10.94
C GLU C 67 -27.83 18.08 11.38
N ALA C 68 -28.98 17.42 11.28
CA ALA C 68 -30.24 18.06 11.66
C ALA C 68 -30.35 18.27 13.16
N LYS C 69 -29.91 17.28 13.94
CA LYS C 69 -29.97 17.36 15.39
C LYS C 69 -28.70 17.91 16.01
N SER C 70 -27.78 18.43 15.19
CA SER C 70 -26.56 19.08 15.65
C SER C 70 -25.68 18.15 16.49
N CYS C 71 -25.78 16.85 16.26
CA CYS C 71 -24.87 15.89 16.85
C CYS C 71 -23.79 15.54 15.84
N TYR C 72 -22.64 15.06 16.36
CA TYR C 72 -21.61 14.59 15.44
C TYR C 72 -20.82 13.47 16.11
N TRP C 73 -19.85 12.94 15.36
CA TRP C 73 -19.05 11.81 15.80
C TRP C 73 -17.58 12.17 15.78
N ARG C 74 -16.84 11.69 16.77
CA ARG C 74 -15.39 11.75 16.80
C ARG C 74 -14.85 10.33 16.77
N PHE C 75 -13.83 10.09 15.97
CA PHE C 75 -13.28 8.75 15.78
C PHE C 75 -11.79 8.70 16.08
N VAL C 76 -11.34 7.53 16.53
CA VAL C 76 -9.93 7.16 16.57
C VAL C 76 -9.87 5.74 16.02
N LEU C 77 -9.28 5.59 14.83
CA LEU C 77 -9.18 4.28 14.18
C LEU C 77 -7.86 3.67 14.62
N LEU C 78 -7.92 2.79 15.62
CA LEU C 78 -6.69 2.26 16.21
C LEU C 78 -6.02 1.26 15.27
N HIS C 79 -6.80 0.39 14.63
CA HIS C 79 -6.24 -0.64 13.77
C HIS C 79 -7.14 -0.86 12.56
N LEU C 80 -6.51 -1.05 11.40
CA LEU C 80 -7.22 -1.41 10.17
C LEU C 80 -6.43 -2.52 9.50
N GLU C 81 -7.12 -3.59 9.10
CA GLU C 81 -6.43 -4.74 8.51
C GLU C 81 -7.30 -5.39 7.46
N VAL C 82 -6.73 -5.62 6.28
CA VAL C 82 -7.43 -6.31 5.20
C VAL C 82 -7.12 -7.79 5.33
N LEU C 83 -8.16 -8.61 5.55
CA LEU C 83 -7.94 -10.03 5.66
C LEU C 83 -7.79 -10.68 4.28
N GLN C 84 -8.65 -10.33 3.34
CA GLN C 84 -8.35 -10.50 1.92
C GLN C 84 -9.31 -9.64 1.11
N ALA C 85 -9.02 -9.54 -0.18
CA ALA C 85 -9.81 -8.73 -1.09
C ALA C 85 -9.74 -9.36 -2.48
N HIS C 86 -10.89 -9.48 -3.12
CA HIS C 86 -11.00 -10.18 -4.39
C HIS C 86 -11.82 -9.38 -5.39
N ILE C 87 -11.55 -9.65 -6.67
CA ILE C 87 -12.24 -9.03 -7.80
C ILE C 87 -12.93 -10.14 -8.58
N PHE C 88 -14.19 -9.90 -8.95
CA PHE C 88 -14.99 -10.83 -9.73
C PHE C 88 -15.51 -10.16 -10.99
N GLU C 89 -15.65 -10.99 -12.04
CA GLU C 89 -16.24 -10.62 -13.34
C GLU C 89 -15.41 -9.59 -14.10
N ASP C 90 -14.25 -10.00 -14.60
CA ASP C 90 -13.39 -9.13 -15.39
C ASP C 90 -14.08 -8.65 -16.65
N GLY C 94 -19.11 -3.27 -14.38
CA GLY C 94 -18.72 -4.57 -14.91
C GLY C 94 -18.11 -5.45 -13.83
N GLU C 95 -16.85 -5.17 -13.48
CA GLU C 95 -16.19 -5.89 -12.40
C GLU C 95 -16.66 -5.40 -11.04
N ALA C 96 -16.56 -6.28 -10.06
CA ALA C 96 -16.89 -5.95 -8.67
C ALA C 96 -15.79 -6.50 -7.78
N ALA C 97 -15.87 -6.16 -6.49
CA ALA C 97 -14.84 -6.58 -5.55
C ALA C 97 -15.46 -6.73 -4.16
N GLU C 98 -14.81 -7.58 -3.37
CA GLU C 98 -15.21 -7.89 -2.01
C GLU C 98 -13.99 -7.77 -1.11
N ILE C 99 -14.13 -7.01 -0.03
CA ILE C 99 -13.03 -6.76 0.91
C ILE C 99 -13.45 -7.20 2.30
N GLU C 100 -12.58 -7.96 2.95
CA GLU C 100 -12.72 -8.36 4.35
C GLU C 100 -11.77 -7.50 5.18
N ALA C 101 -12.31 -6.80 6.17
CA ALA C 101 -11.49 -5.89 6.95
C ALA C 101 -11.80 -6.06 8.43
N LEU C 102 -10.76 -6.00 9.26
CA LEU C 102 -10.91 -5.98 10.71
C LEU C 102 -10.61 -4.56 11.19
N LEU C 103 -11.61 -3.92 11.77
CA LEU C 103 -11.46 -2.56 12.27
C LEU C 103 -11.50 -2.59 13.79
N GLU C 104 -10.54 -1.92 14.41
CA GLU C 104 -10.56 -1.69 15.85
C GLU C 104 -10.63 -0.18 16.01
N GLU C 105 -11.73 0.32 16.57
CA GLU C 105 -11.96 1.74 16.53
C GLU C 105 -12.70 2.20 17.78
N ALA C 106 -12.36 3.40 18.22
CA ALA C 106 -13.06 4.05 19.32
C ALA C 106 -13.80 5.25 18.75
N ALA C 107 -15.00 5.48 19.24
CA ALA C 107 -15.81 6.58 18.73
C ALA C 107 -16.60 7.20 19.86
N GLU C 108 -16.90 8.47 19.68
CA GLU C 108 -17.67 9.23 20.66
C GLU C 108 -18.74 9.98 19.89
N LEU C 109 -19.98 9.62 20.14
CA LEU C 109 -21.08 10.39 19.60
C LEU C 109 -21.19 11.56 20.54
N VAL C 110 -20.71 12.70 20.05
CA VAL C 110 -20.95 13.96 20.70
C VAL C 110 -22.37 14.24 20.24
N ASP C 111 -23.35 13.42 20.64
CA ASP C 111 -24.72 13.91 20.67
C ASP C 111 -24.76 14.70 21.94
N GLU C 112 -24.90 16.00 21.78
CA GLU C 112 -24.70 16.87 22.92
C GLU C 112 -26.01 17.00 23.76
N SER C 113 -27.19 16.54 23.20
CA SER C 113 -28.50 16.41 23.90
C SER C 113 -28.74 15.53 25.15
N GLN C 114 -27.77 14.79 25.64
CA GLN C 114 -27.91 14.00 26.88
C GLN C 114 -26.83 14.44 27.86
N PRO C 115 -26.97 14.13 29.20
CA PRO C 115 -26.01 14.74 30.14
C PRO C 115 -24.57 14.32 29.90
N LYS C 116 -24.35 13.23 29.17
CA LYS C 116 -23.02 12.76 28.82
C LYS C 116 -23.02 12.35 27.35
N ASN C 117 -21.81 12.36 26.79
CA ASN C 117 -21.62 11.99 25.39
C ASN C 117 -21.48 10.47 25.33
N ALA C 118 -22.04 9.86 24.28
CA ALA C 118 -22.02 8.41 24.20
C ALA C 118 -20.70 7.92 23.61
N LYS C 119 -20.17 6.84 24.15
CA LYS C 119 -18.89 6.34 23.67
C LYS C 119 -18.98 4.86 23.35
N TYR C 120 -18.12 4.41 22.44
CA TYR C 120 -17.95 2.98 22.20
C TYR C 120 -16.51 2.71 21.77
N TYR C 121 -16.04 1.50 22.06
CA TYR C 121 -14.79 0.98 21.50
C TYR C 121 -15.07 -0.43 21.01
N SER C 122 -14.91 -0.67 19.70
CA SER C 122 -15.34 -1.92 19.10
C SER C 122 -14.28 -2.44 18.13
N THR C 123 -13.99 -3.74 18.23
CA THR C 123 -13.22 -4.47 17.23
C THR C 123 -14.18 -5.41 16.49
N TYR C 124 -14.30 -5.21 15.17
CA TYR C 124 -15.27 -5.96 14.39
C TYR C 124 -14.75 -6.24 12.99
N LYS C 125 -15.25 -7.34 12.41
CA LYS C 125 -15.00 -7.67 11.01
C LYS C 125 -16.13 -7.11 10.15
N ILE C 126 -15.79 -6.71 8.93
CA ILE C 126 -16.78 -6.14 8.02
C ILE C 126 -16.41 -6.51 6.60
N ARG C 127 -17.44 -6.82 5.80
CA ARG C 127 -17.27 -7.04 4.38
C ARG C 127 -17.86 -5.89 3.59
N TYR C 128 -17.09 -5.38 2.64
CA TYR C 128 -17.56 -4.38 1.72
C TYR C 128 -17.65 -5.00 0.33
N ILE C 129 -18.72 -4.68 -0.39
CA ILE C 129 -18.87 -5.02 -1.80
C ILE C 129 -18.86 -3.69 -2.55
N LEU C 130 -17.86 -3.54 -3.43
CA LEU C 130 -17.62 -2.35 -4.23
C LEU C 130 -17.71 -2.73 -5.70
N LYS C 131 -17.96 -1.74 -6.54
CA LYS C 131 -17.98 -1.94 -7.99
C LYS C 131 -17.37 -0.74 -8.69
N LYS C 132 -16.62 -1.01 -9.76
CA LYS C 132 -16.01 0.06 -10.54
C LYS C 132 -17.05 0.71 -11.46
N GLN C 133 -17.10 2.04 -11.44
CA GLN C 133 -17.95 2.76 -12.37
C GLN C 133 -17.26 2.81 -13.73
N GLU C 134 -17.92 3.42 -14.71
CA GLU C 134 -17.33 3.47 -16.04
C GLU C 134 -16.27 4.56 -16.16
N ASP C 135 -16.05 5.34 -15.10
CA ASP C 135 -14.97 6.32 -15.09
C ASP C 135 -13.72 5.79 -14.43
N GLY C 136 -13.61 4.46 -14.29
CA GLY C 136 -12.46 3.79 -13.73
C GLY C 136 -12.34 3.82 -12.23
N LEU C 137 -13.32 4.35 -11.52
CA LEU C 137 -13.20 4.55 -10.08
C LEU C 137 -14.07 3.57 -9.32
N TRP C 138 -13.62 3.23 -8.13
CA TRP C 138 -14.31 2.27 -7.28
C TRP C 138 -15.24 3.01 -6.35
N LYS C 139 -16.40 2.41 -6.08
CA LYS C 139 -17.35 2.99 -5.14
C LYS C 139 -17.89 1.88 -4.26
N PHE C 140 -17.84 2.09 -2.94
CA PHE C 140 -18.41 1.13 -2.03
C PHE C 140 -19.91 1.09 -2.25
N CYS C 141 -20.45 -0.10 -2.47
CA CYS C 141 -21.87 -0.18 -2.78
C CYS C 141 -22.69 -0.67 -1.61
N GLN C 142 -22.18 -1.62 -0.83
CA GLN C 142 -22.90 -2.02 0.39
C GLN C 142 -21.98 -2.83 1.28
N SER C 143 -22.33 -2.92 2.56
CA SER C 143 -21.42 -3.48 3.56
C SER C 143 -22.17 -4.19 4.67
N ASP C 144 -21.45 -5.10 5.37
CA ASP C 144 -22.06 -5.85 6.47
C ASP C 144 -21.05 -6.14 7.57
N ILE C 145 -21.38 -5.75 8.81
CA ILE C 145 -20.57 -6.09 9.97
C ILE C 145 -20.90 -7.52 10.43
N GLN C 146 -19.89 -8.24 10.88
CA GLN C 146 -20.08 -9.56 11.47
C GLN C 146 -19.45 -9.58 12.86
N LYS D 15 35.00 -34.29 -36.62
CA LYS D 15 34.29 -33.17 -36.03
C LYS D 15 34.49 -31.91 -36.86
N ARG D 16 33.21 -31.29 -37.45
CA ARG D 16 33.53 -30.05 -38.11
C ARG D 16 33.15 -28.84 -37.32
N PRO D 17 33.95 -27.78 -37.39
CA PRO D 17 33.49 -26.53 -36.81
C PRO D 17 32.31 -26.04 -37.63
N MET D 18 31.28 -25.66 -36.91
CA MET D 18 30.13 -25.00 -37.47
C MET D 18 30.46 -23.52 -37.55
N ASP D 19 29.82 -22.83 -38.50
CA ASP D 19 30.04 -21.41 -38.63
C ASP D 19 29.59 -20.68 -37.36
N THR D 20 30.44 -19.81 -36.83
CA THR D 20 30.11 -19.15 -35.57
C THR D 20 28.86 -18.29 -35.71
N GLU D 21 28.63 -17.69 -36.90
CA GLU D 21 27.34 -17.02 -37.07
C GLU D 21 26.13 -17.93 -37.07
N GLU D 22 26.19 -19.07 -37.71
CA GLU D 22 24.96 -19.84 -37.77
C GLU D 22 24.64 -20.45 -36.41
N ALA D 23 25.66 -20.78 -35.65
CA ALA D 23 25.46 -21.21 -34.26
C ALA D 23 24.91 -20.06 -33.41
N GLU D 24 25.43 -18.84 -33.59
CA GLU D 24 24.88 -17.69 -32.87
C GLU D 24 23.41 -17.50 -33.22
N GLU D 25 23.09 -17.62 -34.50
CA GLU D 25 21.72 -17.39 -34.95
C GLU D 25 20.79 -18.49 -34.48
N LEU D 26 21.29 -19.72 -34.39
CA LEU D 26 20.47 -20.82 -33.90
C LEU D 26 20.14 -20.63 -32.42
N VAL D 27 21.17 -20.33 -31.61
CA VAL D 27 20.92 -20.15 -30.17
C VAL D 27 20.02 -18.94 -29.96
N ARG D 28 20.15 -17.94 -30.82
CA ARG D 28 19.35 -16.74 -30.65
C ARG D 28 17.89 -16.98 -31.05
N GLN D 29 17.60 -17.79 -32.08
CA GLN D 29 16.19 -18.06 -32.40
C GLN D 29 15.61 -18.91 -31.28
N TRP D 30 16.39 -19.87 -30.73
CA TRP D 30 15.85 -20.70 -29.65
C TRP D 30 15.47 -19.84 -28.46
N GLU D 31 16.32 -18.88 -28.10
CA GLU D 31 15.99 -18.06 -26.94
C GLU D 31 14.76 -17.21 -27.22
N ASN D 32 14.61 -16.73 -28.45
CA ASN D 32 13.39 -15.99 -28.78
C ASN D 32 12.15 -16.88 -28.69
N VAL D 33 12.24 -18.12 -29.19
CA VAL D 33 11.09 -19.02 -29.13
C VAL D 33 10.78 -19.37 -27.67
N LYS D 34 11.82 -19.50 -26.84
CA LYS D 34 11.58 -19.73 -25.42
C LYS D 34 10.81 -18.57 -24.79
N ALA D 35 11.19 -17.34 -25.12
CA ALA D 35 10.44 -16.20 -24.61
C ALA D 35 9.00 -16.22 -25.11
N GLU D 36 8.79 -16.64 -26.35
CA GLU D 36 7.43 -16.65 -26.91
C GLU D 36 6.56 -17.70 -26.21
N ALA D 37 7.10 -18.91 -26.02
CA ALA D 37 6.28 -20.00 -25.48
C ALA D 37 5.97 -19.78 -24.01
N LEU D 38 6.93 -19.31 -23.22
CA LEU D 38 6.74 -19.06 -21.80
C LEU D 38 6.17 -17.69 -21.51
N GLY D 39 5.89 -16.89 -22.54
CA GLY D 39 5.40 -15.55 -22.35
C GLY D 39 3.90 -15.49 -22.15
N PRO D 40 3.35 -14.28 -22.12
CA PRO D 40 1.90 -14.15 -21.87
C PRO D 40 1.04 -14.72 -22.98
N THR D 41 1.53 -14.79 -24.22
CA THR D 41 0.75 -15.37 -25.31
C THR D 41 0.75 -16.89 -25.27
N HIS D 42 1.72 -17.51 -24.57
CA HIS D 42 1.78 -18.95 -24.38
C HIS D 42 1.77 -19.70 -25.72
N GLN D 43 2.77 -19.40 -26.55
CA GLN D 43 2.89 -20.02 -27.87
C GLN D 43 3.63 -21.35 -27.74
N VAL D 44 2.91 -22.33 -27.19
CA VAL D 44 3.52 -23.64 -26.94
C VAL D 44 3.85 -24.33 -28.26
N TYR D 45 3.00 -24.15 -29.27
CA TYR D 45 3.25 -24.74 -30.58
C TYR D 45 4.64 -24.39 -31.10
N SER D 46 5.05 -23.12 -30.94
CA SER D 46 6.29 -22.64 -31.54
C SER D 46 7.50 -23.44 -31.10
N LEU D 47 7.43 -24.13 -29.96
CA LEU D 47 8.55 -24.95 -29.51
C LEU D 47 8.91 -25.99 -30.56
N SER D 48 7.91 -26.60 -31.18
CA SER D 48 8.17 -27.63 -32.18
C SER D 48 8.98 -27.09 -33.36
N GLU D 49 9.03 -25.77 -33.53
CA GLU D 49 9.83 -25.21 -34.62
C GLU D 49 11.33 -25.41 -34.35
N VAL D 50 11.75 -25.30 -33.09
CA VAL D 50 13.17 -25.29 -32.77
C VAL D 50 13.61 -26.50 -31.96
N LEU D 51 12.72 -27.12 -31.19
CA LEU D 51 13.10 -28.20 -30.29
C LEU D 51 12.56 -29.55 -30.76
N ASP D 52 13.31 -30.60 -30.45
CA ASP D 52 12.87 -31.98 -30.65
C ASP D 52 13.38 -32.84 -29.50
N GLU D 53 12.78 -34.02 -29.37
CA GLU D 53 13.15 -35.02 -28.36
C GLU D 53 13.10 -34.41 -26.95
N SER D 54 14.01 -34.82 -26.06
CA SER D 54 13.92 -34.51 -24.64
C SER D 54 13.75 -33.03 -24.36
N MET D 55 14.48 -32.17 -25.09
CA MET D 55 14.33 -30.73 -24.88
C MET D 55 12.91 -30.28 -25.21
N LEU D 56 12.36 -30.79 -26.32
CA LEU D 56 11.00 -30.43 -26.67
C LEU D 56 10.03 -30.89 -25.59
N VAL D 57 10.22 -32.10 -25.07
CA VAL D 57 9.33 -32.59 -24.02
C VAL D 57 9.42 -31.71 -22.78
N GLN D 58 10.65 -31.42 -22.35
CA GLN D 58 10.86 -30.63 -21.13
C GLN D 58 10.22 -29.26 -21.24
N TRP D 59 10.60 -28.52 -22.27
CA TRP D 59 10.09 -27.16 -22.39
C TRP D 59 8.61 -27.14 -22.75
N GLN D 60 8.10 -28.20 -23.37
CA GLN D 60 6.69 -28.23 -23.67
C GLN D 60 5.88 -28.40 -22.40
N THR D 61 6.33 -29.28 -21.50
CA THR D 61 5.58 -29.44 -20.26
C THR D 61 5.73 -28.22 -19.37
N LEU D 62 6.88 -27.55 -19.43
CA LEU D 62 7.01 -26.31 -18.67
C LEU D 62 6.03 -25.26 -19.19
N ALA D 63 5.93 -25.15 -20.52
CA ALA D 63 5.03 -24.17 -21.12
C ALA D 63 3.57 -24.48 -20.79
N GLN D 64 3.18 -25.76 -20.83
CA GLN D 64 1.79 -26.09 -20.55
C GLN D 64 1.45 -25.91 -19.08
N THR D 65 2.41 -26.21 -18.19
CA THR D 65 2.20 -25.92 -16.78
C THR D 65 2.02 -24.42 -16.55
N ALA D 66 2.87 -23.60 -17.17
CA ALA D 66 2.74 -22.15 -17.01
C ALA D 66 1.41 -21.65 -17.55
N GLU D 67 1.00 -22.13 -18.73
CA GLU D 67 -0.28 -21.69 -19.28
C GLU D 67 -1.44 -22.15 -18.41
N ALA D 68 -1.30 -23.31 -17.76
CA ALA D 68 -2.38 -23.81 -16.92
C ALA D 68 -2.52 -22.98 -15.65
N LYS D 69 -1.39 -22.57 -15.07
CA LYS D 69 -1.43 -21.80 -13.83
C LYS D 69 -1.46 -20.29 -14.07
N SER D 70 -1.64 -19.86 -15.31
CA SER D 70 -1.79 -18.45 -15.65
C SER D 70 -0.59 -17.62 -15.22
N CYS D 71 0.57 -18.25 -15.10
CA CYS D 71 1.83 -17.54 -14.92
C CYS D 71 2.54 -17.42 -16.26
N TYR D 72 3.45 -16.45 -16.35
CA TYR D 72 4.28 -16.37 -17.55
C TYR D 72 5.63 -15.78 -17.18
N TRP D 73 6.51 -15.72 -18.18
CA TRP D 73 7.88 -15.29 -18.00
C TRP D 73 8.18 -14.15 -18.97
N ARG D 74 8.97 -13.20 -18.51
CA ARG D 74 9.52 -12.14 -19.37
C ARG D 74 11.04 -12.29 -19.40
N PHE D 75 11.62 -12.18 -20.59
CA PHE D 75 13.05 -12.38 -20.78
C PHE D 75 13.68 -11.18 -21.47
N VAL D 76 14.93 -10.91 -21.12
CA VAL D 76 15.80 -10.01 -21.88
C VAL D 76 17.17 -10.68 -21.98
N LEU D 77 17.57 -11.05 -23.19
CA LEU D 77 18.86 -11.69 -23.43
C LEU D 77 19.87 -10.59 -23.69
N LEU D 78 20.62 -10.22 -22.65
CA LEU D 78 21.51 -9.06 -22.76
C LEU D 78 22.74 -9.39 -23.60
N HIS D 79 23.33 -10.57 -23.42
CA HIS D 79 24.53 -10.93 -24.15
C HIS D 79 24.50 -12.40 -24.50
N LEU D 80 24.93 -12.71 -25.73
CA LEU D 80 25.08 -14.07 -26.20
C LEU D 80 26.40 -14.19 -26.96
N GLU D 81 27.15 -15.25 -26.64
CA GLU D 81 28.46 -15.49 -27.24
C GLU D 81 28.62 -16.99 -27.41
N VAL D 82 29.03 -17.41 -28.61
CA VAL D 82 29.22 -18.82 -28.91
C VAL D 82 30.63 -19.22 -28.53
N LEU D 83 30.75 -20.14 -27.58
CA LEU D 83 32.07 -20.58 -27.17
C LEU D 83 32.64 -21.65 -28.11
N GLN D 84 31.85 -22.62 -28.58
CA GLN D 84 32.43 -23.48 -29.60
C GLN D 84 31.22 -23.93 -30.39
N ALA D 85 31.45 -24.45 -31.58
CA ALA D 85 30.38 -25.05 -32.36
C ALA D 85 30.99 -26.11 -33.25
N HIS D 86 30.47 -27.33 -33.18
CA HIS D 86 31.04 -28.45 -33.92
C HIS D 86 29.94 -29.33 -34.48
N ILE D 87 30.29 -30.04 -35.55
CA ILE D 87 29.37 -30.95 -36.25
C ILE D 87 29.93 -32.35 -36.17
N PHE D 88 29.06 -33.31 -35.88
CA PHE D 88 29.38 -34.73 -35.79
C PHE D 88 28.47 -35.53 -36.72
N GLU D 89 28.68 -36.84 -36.75
CA GLU D 89 27.96 -37.74 -37.65
C GLU D 89 27.33 -38.87 -36.85
N ASP D 90 26.28 -39.45 -37.43
CA ASP D 90 25.60 -40.61 -36.83
C ASP D 90 25.51 -41.76 -37.82
N GLY D 94 23.14 -39.37 -40.59
CA GLY D 94 22.49 -38.28 -39.88
C GLY D 94 23.51 -37.37 -39.21
N GLU D 95 23.51 -36.10 -39.56
CA GLU D 95 24.40 -35.13 -38.91
C GLU D 95 23.87 -34.73 -37.55
N ALA D 96 24.80 -34.39 -36.65
CA ALA D 96 24.48 -33.86 -35.33
C ALA D 96 25.41 -32.69 -35.06
N ALA D 97 25.14 -31.97 -33.98
CA ALA D 97 25.95 -30.80 -33.68
C ALA D 97 25.95 -30.54 -32.18
N GLU D 98 27.00 -29.87 -31.74
CA GLU D 98 27.17 -29.48 -30.34
C GLU D 98 27.60 -28.02 -30.29
N ILE D 99 26.88 -27.22 -29.51
CA ILE D 99 27.18 -25.79 -29.36
C ILE D 99 27.38 -25.47 -27.89
N GLU D 100 28.48 -24.82 -27.55
CA GLU D 100 28.67 -24.30 -26.21
C GLU D 100 28.55 -22.79 -26.27
N ALA D 101 27.62 -22.24 -25.49
CA ALA D 101 27.31 -20.82 -25.53
C ALA D 101 27.23 -20.25 -24.13
N LEU D 102 27.69 -19.03 -23.97
CA LEU D 102 27.59 -18.29 -22.72
C LEU D 102 26.48 -17.26 -22.86
N LEU D 103 25.43 -17.39 -22.04
CA LEU D 103 24.28 -16.50 -22.07
C LEU D 103 24.27 -15.62 -20.82
N GLU D 104 24.03 -14.33 -21.02
CA GLU D 104 23.78 -13.40 -19.93
C GLU D 104 22.37 -12.88 -20.14
N GLU D 105 21.46 -13.20 -19.21
CA GLU D 105 20.05 -12.95 -19.45
C GLU D 105 19.36 -12.61 -18.13
N ALA D 106 18.38 -11.73 -18.23
CA ALA D 106 17.53 -11.36 -17.11
C ALA D 106 16.12 -11.88 -17.36
N ALA D 107 15.47 -12.37 -16.30
CA ALA D 107 14.13 -12.94 -16.46
C ALA D 107 13.27 -12.64 -15.24
N GLU D 108 11.97 -12.59 -15.48
CA GLU D 108 10.97 -12.26 -14.47
C GLU D 108 9.77 -13.18 -14.59
N LEU D 109 9.51 -13.98 -13.55
CA LEU D 109 8.33 -14.83 -13.48
C LEU D 109 7.16 -14.03 -12.91
N VAL D 110 6.23 -13.68 -13.79
CA VAL D 110 4.98 -13.00 -13.43
C VAL D 110 3.95 -14.05 -13.03
N ASP D 111 3.83 -14.27 -11.72
CA ASP D 111 2.67 -14.95 -11.14
C ASP D 111 1.98 -13.98 -10.18
N GLU D 112 0.65 -14.10 -10.16
CA GLU D 112 -0.40 -13.22 -9.62
C GLU D 112 -0.94 -13.69 -8.26
N SER D 113 -0.48 -14.84 -7.74
CA SER D 113 -0.78 -15.40 -6.42
C SER D 113 0.13 -14.90 -5.31
N GLN D 114 1.07 -14.04 -5.66
CA GLN D 114 2.16 -13.36 -4.99
C GLN D 114 2.11 -11.85 -5.19
N PRO D 115 2.60 -11.07 -4.23
CA PRO D 115 2.45 -9.62 -4.37
C PRO D 115 3.27 -9.06 -5.53
N LYS D 116 4.42 -9.65 -5.85
CA LYS D 116 5.12 -9.28 -7.07
C LYS D 116 6.00 -10.42 -7.55
N ASN D 117 6.46 -10.27 -8.79
CA ASN D 117 7.08 -11.29 -9.61
C ASN D 117 8.54 -11.56 -9.25
N ALA D 118 8.94 -12.83 -9.41
CA ALA D 118 10.29 -13.26 -9.06
C ALA D 118 11.28 -12.92 -10.16
N LYS D 119 12.48 -12.52 -9.79
CA LYS D 119 13.46 -12.06 -10.78
C LYS D 119 14.76 -12.82 -10.65
N TYR D 120 15.50 -12.88 -11.78
CA TYR D 120 16.87 -13.36 -11.77
C TYR D 120 17.64 -12.64 -12.86
N TYR D 121 18.95 -12.49 -12.63
CA TYR D 121 19.90 -12.04 -13.64
C TYR D 121 21.07 -13.01 -13.59
N SER D 122 21.31 -13.74 -14.69
CA SER D 122 22.24 -14.85 -14.64
C SER D 122 23.13 -14.85 -15.87
N THR D 123 24.43 -15.05 -15.64
CA THR D 123 25.40 -15.38 -16.68
C THR D 123 25.81 -16.83 -16.50
N TYR D 124 25.53 -17.66 -17.51
CA TYR D 124 25.78 -19.09 -17.38
C TYR D 124 26.21 -19.68 -18.72
N LYS D 125 26.99 -20.75 -18.65
CA LYS D 125 27.36 -21.52 -19.83
C LYS D 125 26.38 -22.67 -20.02
N ILE D 126 26.13 -23.01 -21.29
CA ILE D 126 25.20 -24.07 -21.63
C ILE D 126 25.70 -24.78 -22.87
N ARG D 127 25.58 -26.10 -22.86
CA ARG D 127 25.90 -26.92 -24.01
C ARG D 127 24.59 -27.46 -24.59
N TYR D 128 24.42 -27.28 -25.89
CA TYR D 128 23.27 -27.76 -26.63
C TYR D 128 23.69 -28.88 -27.57
N ILE D 129 22.84 -29.89 -27.68
CA ILE D 129 22.99 -30.96 -28.65
C ILE D 129 21.84 -30.83 -29.64
N LEU D 130 22.18 -30.65 -30.92
CA LEU D 130 21.25 -30.45 -32.00
C LEU D 130 21.40 -31.56 -33.02
N LYS D 131 20.39 -31.73 -33.86
CA LYS D 131 20.42 -32.72 -34.92
C LYS D 131 19.84 -32.09 -36.19
N LYS D 132 20.45 -32.42 -37.33
CA LYS D 132 19.97 -31.92 -38.61
C LYS D 132 18.73 -32.70 -39.03
N GLN D 133 17.66 -31.97 -39.36
CA GLN D 133 16.42 -32.56 -39.83
C GLN D 133 16.53 -32.90 -41.32
N GLU D 134 15.43 -33.40 -41.90
CA GLU D 134 15.48 -33.84 -43.28
C GLU D 134 15.44 -32.66 -44.25
N ASP D 135 15.21 -31.47 -43.73
CA ASP D 135 15.38 -30.25 -44.50
C ASP D 135 16.72 -29.69 -44.05
N GLY D 136 17.05 -28.46 -44.42
CA GLY D 136 18.36 -28.07 -43.97
C GLY D 136 18.49 -27.60 -42.54
N LEU D 137 17.45 -27.68 -41.72
CA LEU D 137 17.46 -26.94 -40.46
C LEU D 137 17.76 -27.82 -39.25
N TRP D 138 18.36 -27.18 -38.25
CA TRP D 138 18.79 -27.80 -37.01
C TRP D 138 17.73 -27.63 -35.94
N LYS D 139 17.63 -28.63 -35.07
CA LYS D 139 16.69 -28.59 -33.96
C LYS D 139 17.40 -29.03 -32.70
N PHE D 140 17.28 -28.22 -31.64
CA PHE D 140 17.88 -28.55 -30.36
C PHE D 140 17.23 -29.80 -29.78
N CYS D 141 18.06 -30.77 -29.41
CA CYS D 141 17.58 -32.04 -28.89
C CYS D 141 17.87 -32.25 -27.41
N GLN D 142 18.97 -31.70 -26.90
CA GLN D 142 19.27 -31.76 -25.47
C GLN D 142 20.04 -30.51 -25.07
N SER D 143 20.07 -30.25 -23.76
CA SER D 143 20.75 -29.08 -23.24
C SER D 143 21.26 -29.39 -21.84
N ASP D 144 22.33 -28.70 -21.46
CA ASP D 144 22.96 -28.89 -20.16
C ASP D 144 23.57 -27.57 -19.72
N ILE D 145 23.13 -27.07 -18.58
CA ILE D 145 23.75 -25.90 -17.98
C ILE D 145 25.01 -26.35 -17.25
N GLN D 146 26.02 -25.49 -17.20
CA GLN D 146 27.28 -25.84 -16.57
C GLN D 146 27.57 -24.96 -15.38
N ILE D 147 28.20 -25.56 -14.37
CA ILE D 147 28.46 -24.92 -13.09
C ILE D 147 29.92 -24.49 -12.97
N HIS E 2 12.59 11.57 21.22
CA HIS E 2 11.38 11.98 20.53
C HIS E 2 10.16 11.76 21.44
N LEU E 3 8.97 11.93 20.87
CA LEU E 3 7.71 11.73 21.57
C LEU E 3 7.15 10.35 21.28
N ASP E 4 6.47 9.79 22.26
CA ASP E 4 5.72 8.55 22.10
C ASP E 4 4.28 8.81 22.50
N VAL E 5 3.36 8.10 21.86
CA VAL E 5 1.95 8.37 22.08
C VAL E 5 1.54 8.04 23.50
N MET E 6 2.19 7.07 24.14
CA MET E 6 1.82 6.65 25.48
C MET E 6 2.26 7.64 26.55
N MET E 7 2.98 8.69 26.19
CA MET E 7 3.36 9.70 27.16
C MET E 7 2.18 10.52 27.64
N ALA E 8 1.02 10.40 27.00
CA ALA E 8 -0.15 11.21 27.33
C ALA E 8 -1.16 10.45 28.17
N ARG E 9 -0.81 9.33 28.73
CA ARG E 9 -1.67 8.68 29.65
C ARG E 9 -1.34 9.16 30.98
N GLY E 10 -2.37 9.42 31.74
CA GLY E 10 -2.22 10.00 33.03
C GLY E 10 -3.43 10.77 33.25
N HIS F 2 9.28 5.28 -36.41
CA HIS F 2 10.36 4.54 -35.77
C HIS F 2 10.52 4.65 -34.27
N LEU F 3 10.36 3.46 -33.68
CA LEU F 3 10.42 3.17 -32.26
C LEU F 3 11.83 2.78 -31.88
N ASP F 4 12.22 3.19 -30.68
CA ASP F 4 13.51 2.87 -30.10
C ASP F 4 13.29 2.23 -28.74
N VAL F 5 14.23 1.35 -28.37
CA VAL F 5 14.05 0.58 -27.14
C VAL F 5 14.06 1.49 -25.93
N MET F 6 14.79 2.61 -25.98
CA MET F 6 14.88 3.51 -24.84
C MET F 6 13.66 4.40 -24.67
N MET F 7 12.74 4.34 -25.59
CA MET F 7 11.54 5.06 -25.44
C MET F 7 10.70 4.60 -24.30
N ALA F 8 10.98 3.45 -23.80
CA ALA F 8 10.12 2.81 -22.86
C ALA F 8 10.59 2.87 -21.46
N ARG F 9 11.62 3.63 -21.23
CA ARG F 9 12.05 3.89 -19.90
C ARG F 9 11.08 4.81 -19.25
N GLY F 10 10.77 4.54 -18.01
CA GLY F 10 9.93 5.41 -17.24
C GLY F 10 9.31 4.49 -16.25
N ASP G 1 -35.36 10.86 20.35
CA ASP G 1 -34.03 11.05 19.78
C ASP G 1 -33.58 9.77 19.04
N HIS G 2 -33.37 9.92 17.73
CA HIS G 2 -33.11 8.76 16.89
C HIS G 2 -31.78 8.08 17.21
N LEU G 3 -30.77 8.86 17.60
CA LEU G 3 -29.39 8.48 17.30
C LEU G 3 -28.77 7.64 18.41
N ASP G 4 -27.94 6.69 17.99
CA ASP G 4 -27.17 5.83 18.87
C ASP G 4 -25.71 5.88 18.47
N VAL G 5 -24.82 5.66 19.39
CA VAL G 5 -23.44 5.80 19.09
C VAL G 5 -22.94 4.73 18.19
N MET G 6 -23.60 3.63 18.22
CA MET G 6 -23.13 2.45 17.56
C MET G 6 -23.52 2.39 16.13
N MET G 7 -24.16 3.43 15.69
CA MET G 7 -24.61 3.55 14.38
C MET G 7 -23.50 3.92 13.47
N ALA G 8 -22.32 4.15 14.00
CA ALA G 8 -21.24 4.65 13.21
C ALA G 8 -20.28 3.65 12.80
N ARG G 9 -20.51 2.41 13.12
CA ARG G 9 -19.64 1.37 12.75
C ARG G 9 -19.84 0.98 11.39
N GLY G 10 -18.75 0.79 10.69
CA GLY G 10 -18.81 0.46 9.30
C GLY G 10 -17.59 0.90 8.58
N HIS H 2 4.19 -25.55 -8.53
CA HIS H 2 4.75 -24.57 -7.64
C HIS H 2 5.94 -24.21 -8.57
N LEU H 3 5.87 -23.09 -9.30
CA LEU H 3 6.91 -22.77 -10.28
C LEU H 3 7.96 -21.87 -9.68
N ASP H 4 9.19 -22.01 -10.18
CA ASP H 4 10.31 -21.18 -9.76
C ASP H 4 10.86 -20.43 -10.96
N VAL H 5 11.36 -19.23 -10.71
CA VAL H 5 11.79 -18.36 -11.79
C VAL H 5 13.01 -18.93 -12.50
N MET H 6 13.82 -19.64 -11.79
CA MET H 6 15.02 -20.16 -12.35
C MET H 6 14.82 -21.37 -13.18
N MET H 7 13.62 -21.84 -13.27
CA MET H 7 13.29 -22.98 -14.04
C MET H 7 13.48 -22.69 -15.46
N ALA H 8 13.56 -21.45 -15.84
CA ALA H 8 13.56 -21.08 -17.24
C ALA H 8 14.85 -20.71 -17.82
N ARG H 9 15.91 -20.91 -17.10
CA ARG H 9 17.21 -20.81 -17.61
C ARG H 9 17.39 -21.89 -18.59
N GLY H 10 17.95 -21.61 -19.74
CA GLY H 10 18.19 -22.62 -20.75
C GLY H 10 18.23 -22.00 -22.11
#